data_1DVW
#
_entry.id   1DVW
#
_cell.length_a   1.0
_cell.length_b   1.0
_cell.length_c   1.0
_cell.angle_alpha   90.0
_cell.angle_beta   90.0
_cell.angle_gamma   90.0
#
_symmetry.space_group_name_H-M   'P 1'
#
loop_
_entity.id
_entity.type
_entity.pdbx_description
1 polymer '18 RESIDUE PEPTIDE FROM MERP PROTEIN'
2 non-polymer 'MERCURY (II) ION'
#
_entity_poly.entity_id   1
_entity_poly.type   'polypeptide(L)'
_entity_poly.pdbx_seq_one_letter_code
;TLAVPGMTCAACPITVKK
;
_entity_poly.pdbx_strand_id   A
#
loop_
_chem_comp.id
_chem_comp.type
_chem_comp.name
_chem_comp.formula
HG non-polymer 'MERCURY (II) ION' 'Hg 2'
#
# COMPACT_ATOMS: atom_id res chain seq x y z
N THR A 1 -10.86 2.25 2.01
CA THR A 1 -11.12 3.34 1.04
C THR A 1 -9.82 3.72 0.31
N LEU A 2 -9.62 3.21 -0.87
CA LEU A 2 -8.38 3.55 -1.62
C LEU A 2 -7.15 3.31 -0.74
N ALA A 3 -6.16 4.16 -0.84
CA ALA A 3 -4.95 3.98 0.00
C ALA A 3 -5.32 3.96 1.49
N VAL A 4 -4.53 3.28 2.29
CA VAL A 4 -4.84 3.22 3.74
C VAL A 4 -3.54 3.32 4.56
N PRO A 5 -3.69 3.55 5.83
CA PRO A 5 -2.51 3.68 6.72
C PRO A 5 -1.81 2.32 6.90
N GLY A 6 -0.96 1.97 5.99
CA GLY A 6 -0.24 0.66 6.09
C GLY A 6 0.19 0.21 4.70
N MET A 7 -0.74 0.03 3.80
CA MET A 7 -0.38 -0.40 2.42
C MET A 7 0.42 -1.71 2.48
N THR A 8 1.11 -2.04 1.43
CA THR A 8 1.91 -3.30 1.44
C THR A 8 1.01 -4.49 1.81
N CYS A 9 0.11 -4.87 0.94
CA CYS A 9 -0.79 -6.01 1.26
C CYS A 9 -1.13 -6.80 0.00
N ALA A 10 -0.14 -7.36 -0.67
CA ALA A 10 -0.45 -8.12 -1.91
C ALA A 10 -1.40 -7.25 -2.73
N ALA A 11 -1.28 -5.97 -2.55
CA ALA A 11 -2.16 -5.01 -3.23
C ALA A 11 -1.36 -3.77 -3.63
N CYS A 12 -0.71 -3.14 -2.69
CA CYS A 12 0.08 -1.92 -3.05
C CYS A 12 1.46 -1.87 -2.36
N PRO A 13 2.04 -3.02 -2.14
CA PRO A 13 3.41 -3.02 -1.58
C PRO A 13 4.31 -2.44 -2.67
N ILE A 14 3.77 -2.36 -3.87
CA ILE A 14 4.52 -1.80 -5.01
C ILE A 14 4.31 -0.29 -5.08
N THR A 15 3.25 0.16 -4.48
CA THR A 15 2.96 1.61 -4.46
C THR A 15 3.88 2.25 -3.42
N VAL A 16 3.67 1.93 -2.18
CA VAL A 16 4.55 2.45 -1.11
C VAL A 16 5.69 1.45 -0.92
N LYS A 17 6.10 0.79 -1.97
CA LYS A 17 7.18 -0.22 -1.86
C LYS A 17 8.44 0.39 -1.25
N LYS A 18 8.49 1.69 -1.22
CA LYS A 18 9.67 2.40 -0.66
C LYS A 18 10.13 1.70 0.63
HG HG B . -1.41 -2.36 0.22
N THR A 1 -14.23 5.98 -1.31
CA THR A 1 -12.76 5.99 -1.55
C THR A 1 -12.18 4.61 -1.27
N LEU A 2 -11.22 4.19 -2.05
CA LEU A 2 -10.60 2.85 -1.82
C LEU A 2 -9.11 3.00 -1.54
N ALA A 3 -8.73 4.01 -0.81
CA ALA A 3 -7.29 4.20 -0.49
C ALA A 3 -7.04 3.98 1.00
N VAL A 4 -6.25 3.00 1.35
CA VAL A 4 -5.98 2.74 2.78
C VAL A 4 -4.68 3.43 3.20
N PRO A 5 -4.74 4.11 4.32
CA PRO A 5 -3.56 4.84 4.85
C PRO A 5 -2.50 3.86 5.35
N GLY A 6 -1.33 3.90 4.79
CA GLY A 6 -0.25 2.98 5.23
C GLY A 6 0.19 2.09 4.06
N MET A 7 -0.71 1.79 3.16
CA MET A 7 -0.34 0.93 2.01
C MET A 7 0.46 -0.27 2.51
N THR A 8 1.22 -0.90 1.66
CA THR A 8 2.02 -2.06 2.13
C THR A 8 1.10 -3.08 2.82
N CYS A 9 0.43 -3.91 2.06
CA CYS A 9 -0.48 -4.91 2.68
C CYS A 9 -0.49 -6.20 1.86
N ALA A 10 0.63 -6.87 1.75
CA ALA A 10 0.64 -8.11 0.92
C ALA A 10 -0.06 -7.77 -0.39
N ALA A 11 0.02 -6.51 -0.75
CA ALA A 11 -0.66 -6.02 -1.96
C ALA A 11 0.23 -5.00 -2.66
N CYS A 12 0.59 -3.93 -1.99
CA CYS A 12 1.46 -2.91 -2.65
C CYS A 12 2.61 -2.43 -1.78
N PRO A 13 3.13 -3.30 -0.94
CA PRO A 13 4.31 -2.93 -0.16
C PRO A 13 5.46 -2.82 -1.16
N ILE A 14 5.22 -3.35 -2.35
CA ILE A 14 6.23 -3.31 -3.43
C ILE A 14 6.01 -2.06 -4.27
N THR A 15 4.84 -1.52 -4.20
CA THR A 15 4.52 -0.28 -4.96
C THR A 15 4.89 0.90 -4.08
N VAL A 16 4.30 0.98 -2.91
CA VAL A 16 4.64 2.06 -1.96
C VAL A 16 5.76 1.55 -1.05
N LYS A 17 6.61 0.69 -1.58
CA LYS A 17 7.72 0.13 -0.76
C LYS A 17 8.59 1.24 -0.17
N LYS A 18 8.43 2.41 -0.68
CA LYS A 18 9.23 3.57 -0.16
C LYS A 18 8.31 4.63 0.44
HG HG B . -0.81 -2.14 0.04
N THR A 1 -11.70 7.47 -0.83
CA THR A 1 -10.51 6.91 -0.13
C THR A 1 -10.66 5.39 0.04
N LEU A 2 -10.41 4.63 -0.99
CA LEU A 2 -10.54 3.16 -0.88
C LEU A 2 -9.18 2.49 -0.94
N ALA A 3 -8.46 2.47 0.15
CA ALA A 3 -7.11 1.83 0.14
C ALA A 3 -6.63 1.59 1.57
N VAL A 4 -5.96 0.50 1.81
CA VAL A 4 -5.46 0.21 3.19
C VAL A 4 -4.55 1.33 3.66
N PRO A 5 -4.75 1.74 4.89
CA PRO A 5 -3.93 2.83 5.48
C PRO A 5 -2.51 2.33 5.76
N GLY A 6 -1.54 2.88 5.09
CA GLY A 6 -0.13 2.43 5.33
C GLY A 6 0.41 1.76 4.07
N MET A 7 -0.44 1.15 3.29
CA MET A 7 0.03 0.46 2.06
C MET A 7 1.18 -0.48 2.41
N THR A 8 1.92 -0.92 1.43
CA THR A 8 3.06 -1.83 1.72
C THR A 8 2.57 -3.03 2.53
N CYS A 9 1.91 -3.96 1.89
CA CYS A 9 1.41 -5.16 2.62
C CYS A 9 1.46 -6.40 1.74
N ALA A 10 2.63 -6.78 1.28
CA ALA A 10 2.70 -7.97 0.38
C ALA A 10 1.59 -7.81 -0.66
N ALA A 11 1.27 -6.57 -0.92
CA ALA A 11 0.19 -6.24 -1.87
C ALA A 11 0.59 -5.03 -2.72
N CYS A 12 0.84 -3.90 -2.10
CA CYS A 12 1.23 -2.71 -2.90
C CYS A 12 2.48 -2.01 -2.37
N PRO A 13 3.38 -2.76 -1.78
CA PRO A 13 4.64 -2.15 -1.35
C PRO A 13 5.38 -1.76 -2.63
N ILE A 14 4.92 -2.31 -3.74
CA ILE A 14 5.52 -2.00 -5.05
C ILE A 14 4.88 -0.74 -5.61
N THR A 15 3.74 -0.41 -5.12
CA THR A 15 3.05 0.83 -5.57
C THR A 15 3.60 1.98 -4.73
N VAL A 16 3.45 1.88 -3.45
CA VAL A 16 4.03 2.92 -2.55
C VAL A 16 5.42 2.47 -2.15
N LYS A 17 6.13 1.84 -3.06
CA LYS A 17 7.50 1.34 -2.74
C LYS A 17 8.41 2.49 -2.35
N LYS A 18 7.97 3.67 -2.55
CA LYS A 18 8.78 4.86 -2.19
C LYS A 18 10.11 4.83 -2.94
HG HG B . -0.22 -2.48 0.42
N THR A 1 -7.61 0.29 -4.15
CA THR A 1 -7.49 1.78 -4.18
C THR A 1 -6.03 2.18 -3.94
N LEU A 2 -5.58 3.24 -4.56
CA LEU A 2 -4.17 3.69 -4.35
C LEU A 2 -3.87 3.82 -2.86
N ALA A 3 -4.82 4.29 -2.09
CA ALA A 3 -4.59 4.43 -0.63
C ALA A 3 -5.37 3.35 0.14
N VAL A 4 -4.72 2.68 1.06
CA VAL A 4 -5.43 1.61 1.82
C VAL A 4 -5.32 1.90 3.33
N PRO A 5 -6.09 1.19 4.10
CA PRO A 5 -6.07 1.37 5.57
C PRO A 5 -4.73 0.90 6.13
N GLY A 6 -3.67 1.57 5.78
CA GLY A 6 -2.32 1.18 6.27
C GLY A 6 -1.30 1.46 5.16
N MET A 7 -0.03 1.27 5.42
CA MET A 7 0.99 1.53 4.36
C MET A 7 2.16 0.56 4.52
N THR A 8 2.53 -0.12 3.47
CA THR A 8 3.66 -1.07 3.55
C THR A 8 3.45 -2.04 4.71
N CYS A 9 2.87 -3.18 4.45
CA CYS A 9 2.65 -4.18 5.55
C CYS A 9 2.20 -5.52 4.98
N ALA A 10 2.99 -6.12 4.12
CA ALA A 10 2.58 -7.43 3.54
C ALA A 10 1.13 -7.28 3.10
N ALA A 11 0.77 -6.06 2.78
CA ALA A 11 -0.62 -5.75 2.38
C ALA A 11 -0.61 -4.74 1.22
N CYS A 12 0.03 -3.61 1.41
CA CYS A 12 0.07 -2.61 0.31
C CYS A 12 1.44 -1.96 0.12
N PRO A 13 2.47 -2.72 0.34
CA PRO A 13 3.82 -2.19 0.08
C PRO A 13 3.93 -2.06 -1.44
N ILE A 14 2.99 -2.68 -2.13
CA ILE A 14 2.96 -2.62 -3.60
C ILE A 14 2.13 -1.44 -4.06
N THR A 15 1.28 -0.98 -3.21
CA THR A 15 0.43 0.19 -3.54
C THR A 15 1.30 1.45 -3.39
N VAL A 16 1.69 1.75 -2.17
CA VAL A 16 2.58 2.90 -1.95
C VAL A 16 4.02 2.41 -2.01
N LYS A 17 4.28 1.43 -2.85
CA LYS A 17 5.65 0.88 -2.97
C LYS A 17 6.65 1.99 -3.28
N LYS A 18 6.15 3.09 -3.72
CA LYS A 18 7.05 4.24 -4.07
C LYS A 18 7.95 4.58 -2.89
HG HG B . 0.32 -1.65 3.75
N THR A 1 0.58 10.14 0.79
CA THR A 1 0.45 8.99 1.72
C THR A 1 -0.96 8.40 1.65
N LEU A 2 -1.22 7.60 0.66
CA LEU A 2 -2.58 6.99 0.54
C LEU A 2 -2.61 5.62 1.22
N ALA A 3 -2.55 5.60 2.52
CA ALA A 3 -2.57 4.30 3.24
C ALA A 3 -4.02 3.80 3.40
N VAL A 4 -4.40 2.82 2.64
CA VAL A 4 -5.79 2.29 2.74
C VAL A 4 -5.75 0.78 2.97
N PRO A 5 -6.88 0.24 3.36
CA PRO A 5 -6.97 -1.22 3.61
C PRO A 5 -6.88 -1.98 2.29
N GLY A 6 -5.74 -1.95 1.66
CA GLY A 6 -5.57 -2.66 0.36
C GLY A 6 -4.35 -2.10 -0.37
N MET A 7 -3.99 -0.88 -0.09
CA MET A 7 -2.81 -0.27 -0.78
C MET A 7 -1.83 0.29 0.26
N THR A 8 -0.62 -0.20 0.26
CA THR A 8 0.39 0.31 1.23
C THR A 8 -0.13 0.21 2.67
N CYS A 9 -0.09 -0.96 3.25
CA CYS A 9 -0.59 -1.11 4.65
C CYS A 9 0.10 -2.27 5.34
N ALA A 10 1.41 -2.23 5.48
CA ALA A 10 2.11 -3.38 6.12
C ALA A 10 1.54 -4.64 5.52
N ALA A 11 1.09 -4.53 4.30
CA ALA A 11 0.46 -5.66 3.59
C ALA A 11 0.95 -5.67 2.14
N CYS A 12 0.77 -4.57 1.44
CA CYS A 12 1.23 -4.54 0.01
C CYS A 12 1.90 -3.23 -0.37
N PRO A 13 2.57 -2.60 0.57
CA PRO A 13 3.31 -1.39 0.22
C PRO A 13 4.45 -1.84 -0.71
N ILE A 14 4.70 -3.13 -0.69
CA ILE A 14 5.76 -3.71 -1.55
C ILE A 14 5.18 -4.16 -2.88
N THR A 15 3.92 -4.43 -2.89
CA THR A 15 3.24 -4.86 -4.14
C THR A 15 2.75 -3.61 -4.88
N VAL A 16 1.89 -2.85 -4.26
CA VAL A 16 1.40 -1.61 -4.89
C VAL A 16 2.33 -0.47 -4.45
N LYS A 17 3.60 -0.76 -4.33
CA LYS A 17 4.57 0.29 -3.89
C LYS A 17 4.49 1.50 -4.79
N LYS A 18 3.90 1.33 -5.93
CA LYS A 18 3.76 2.46 -6.90
C LYS A 18 2.83 2.05 -8.05
HG HG B . -1.55 -2.60 1.25
N THR A 1 -10.69 -1.06 4.52
CA THR A 1 -11.07 -1.07 3.08
C THR A 1 -11.10 0.37 2.53
N LEU A 2 -10.87 0.53 1.26
CA LEU A 2 -10.89 1.90 0.67
C LEU A 2 -9.78 2.76 1.29
N ALA A 3 -8.82 3.16 0.50
CA ALA A 3 -7.71 4.00 1.04
C ALA A 3 -7.12 3.33 2.28
N VAL A 4 -6.34 2.29 2.09
CA VAL A 4 -5.73 1.60 3.27
C VAL A 4 -4.45 2.33 3.70
N PRO A 5 -4.42 2.71 4.95
CA PRO A 5 -3.24 3.43 5.49
C PRO A 5 -2.06 2.46 5.65
N GLY A 6 -1.07 2.58 4.80
CA GLY A 6 0.10 1.67 4.89
C GLY A 6 0.33 0.99 3.54
N MET A 7 -0.71 0.82 2.77
CA MET A 7 -0.56 0.17 1.44
C MET A 7 -0.02 -1.25 1.62
N THR A 8 0.89 -1.67 0.79
CA THR A 8 1.45 -3.04 0.90
C THR A 8 0.33 -4.06 0.75
N CYS A 9 -0.10 -4.30 -0.46
CA CYS A 9 -1.21 -5.28 -0.69
C CYS A 9 -1.02 -5.94 -2.04
N ALA A 10 0.17 -6.40 -2.34
CA ALA A 10 0.38 -7.01 -3.69
C ALA A 10 -0.24 -6.05 -4.70
N ALA A 11 -0.28 -4.80 -4.32
CA ALA A 11 -0.88 -3.75 -5.14
C ALA A 11 -0.01 -2.49 -5.10
N CYS A 12 0.32 -2.01 -3.92
CA CYS A 12 1.18 -0.78 -3.84
C CYS A 12 2.37 -0.96 -2.91
N PRO A 13 2.85 -2.16 -2.74
CA PRO A 13 4.06 -2.35 -1.92
C PRO A 13 5.19 -1.69 -2.70
N ILE A 14 4.93 -1.42 -3.96
CA ILE A 14 5.94 -0.77 -4.83
C ILE A 14 5.79 0.74 -4.78
N THR A 15 4.63 1.20 -4.45
CA THR A 15 4.39 2.66 -4.33
C THR A 15 5.15 3.16 -3.11
N VAL A 16 4.74 2.70 -1.95
CA VAL A 16 5.46 3.08 -0.72
C VAL A 16 6.55 2.04 -0.46
N LYS A 17 7.11 1.49 -1.52
CA LYS A 17 8.16 0.45 -1.36
C LYS A 17 9.22 0.91 -0.37
N LYS A 18 9.31 2.19 -0.21
CA LYS A 18 10.31 2.77 0.74
C LYS A 18 10.18 2.11 2.12
HG HG B . -1.96 -1.33 -1.57
N THR A 1 -12.28 4.91 -2.70
CA THR A 1 -11.16 3.97 -2.98
C THR A 1 -10.87 3.11 -1.74
N LEU A 2 -11.53 1.98 -1.62
CA LEU A 2 -11.29 1.11 -0.45
C LEU A 2 -9.78 0.98 -0.20
N ALA A 3 -9.30 1.46 0.92
CA ALA A 3 -7.84 1.36 1.21
C ALA A 3 -7.56 1.74 2.66
N VAL A 4 -6.33 1.65 3.08
CA VAL A 4 -5.98 2.01 4.49
C VAL A 4 -5.43 3.43 4.54
N PRO A 5 -5.35 3.96 5.73
CA PRO A 5 -4.82 5.33 5.93
C PRO A 5 -3.30 5.35 5.72
N GLY A 6 -2.86 5.30 4.49
CA GLY A 6 -1.40 5.31 4.22
C GLY A 6 -1.10 4.51 2.96
N MET A 7 -0.31 3.47 3.07
CA MET A 7 0.00 2.65 1.88
C MET A 7 0.72 1.36 2.31
N THR A 8 1.33 0.65 1.39
CA THR A 8 2.04 -0.60 1.78
C THR A 8 1.12 -1.49 2.63
N CYS A 9 0.47 -2.44 2.03
CA CYS A 9 -0.44 -3.33 2.81
C CYS A 9 -0.75 -4.61 2.05
N ALA A 10 0.24 -5.45 1.81
CA ALA A 10 -0.03 -6.69 1.03
C ALA A 10 -0.88 -6.27 -0.18
N ALA A 11 -0.68 -5.05 -0.58
CA ALA A 11 -1.45 -4.47 -1.70
C ALA A 11 -0.53 -3.57 -2.54
N CYS A 12 0.00 -2.52 -1.94
CA CYS A 12 0.91 -1.63 -2.71
C CYS A 12 2.16 -1.27 -1.93
N PRO A 13 2.73 -2.26 -1.31
CA PRO A 13 4.01 -2.06 -0.62
C PRO A 13 5.07 -1.95 -1.71
N ILE A 14 4.66 -2.25 -2.93
CA ILE A 14 5.57 -2.19 -4.09
C ILE A 14 5.50 -0.79 -4.69
N THR A 15 4.41 -0.13 -4.46
CA THR A 15 4.24 1.25 -4.97
C THR A 15 5.12 2.17 -4.13
N VAL A 16 4.76 2.37 -2.90
CA VAL A 16 5.60 3.22 -2.01
C VAL A 16 6.61 2.30 -1.30
N LYS A 17 7.01 1.25 -1.96
CA LYS A 17 7.97 0.30 -1.34
C LYS A 17 9.19 1.04 -0.81
N LYS A 18 9.39 2.22 -1.29
CA LYS A 18 10.56 3.03 -0.85
C LYS A 18 10.25 4.52 -1.00
HG HG B . -1.00 -0.64 0.15
N THR A 1 -9.69 -1.20 2.44
CA THR A 1 -9.44 -2.02 1.22
C THR A 1 -9.01 -1.12 0.06
N LEU A 2 -7.73 -0.89 -0.09
CA LEU A 2 -7.25 -0.02 -1.21
C LEU A 2 -7.92 1.36 -1.13
N ALA A 3 -7.62 2.22 -2.06
CA ALA A 3 -8.24 3.58 -2.04
C ALA A 3 -7.83 4.34 -0.78
N VAL A 4 -6.56 4.41 -0.50
CA VAL A 4 -6.10 5.14 0.71
C VAL A 4 -4.76 5.85 0.42
N PRO A 5 -4.63 7.02 0.98
CA PRO A 5 -3.39 7.82 0.78
C PRO A 5 -2.24 7.22 1.56
N GLY A 6 -1.04 7.36 1.07
CA GLY A 6 0.13 6.79 1.81
C GLY A 6 0.39 5.36 1.32
N MET A 7 -0.63 4.68 0.87
CA MET A 7 -0.44 3.29 0.39
C MET A 7 0.28 2.47 1.46
N THR A 8 0.92 1.40 1.08
CA THR A 8 1.64 0.57 2.09
C THR A 8 0.68 0.21 3.23
N CYS A 9 -0.13 -0.79 3.06
CA CYS A 9 -1.07 -1.17 4.16
C CYS A 9 -1.44 -2.65 4.06
N ALA A 10 -0.47 -3.54 4.20
CA ALA A 10 -0.80 -4.99 4.09
C ALA A 10 -1.69 -5.15 2.87
N ALA A 11 -1.50 -4.27 1.93
CA ALA A 11 -2.32 -4.26 0.69
C ALA A 11 -1.44 -3.90 -0.50
N CYS A 12 -0.73 -2.80 -0.42
CA CYS A 12 0.15 -2.41 -1.57
C CYS A 12 1.48 -1.82 -1.12
N PRO A 13 2.03 -2.33 -0.06
CA PRO A 13 3.36 -1.86 0.36
C PRO A 13 4.34 -2.39 -0.69
N ILE A 14 3.85 -3.30 -1.51
CA ILE A 14 4.67 -3.89 -2.59
C ILE A 14 4.56 -3.01 -3.83
N THR A 15 3.51 -2.26 -3.91
CA THR A 15 3.30 -1.34 -5.05
C THR A 15 4.09 -0.06 -4.74
N VAL A 16 3.75 0.57 -3.66
CA VAL A 16 4.49 1.79 -3.24
C VAL A 16 5.62 1.32 -2.31
N LYS A 17 6.20 0.19 -2.61
CA LYS A 17 7.29 -0.37 -1.76
C LYS A 17 8.52 0.53 -1.79
N LYS A 18 8.48 1.55 -2.59
CA LYS A 18 9.64 2.47 -2.68
C LYS A 18 10.85 1.75 -3.25
HG HG B . -1.50 0.04 0.52
N THR A 1 -7.81 4.23 -5.34
CA THR A 1 -7.65 4.18 -3.86
C THR A 1 -6.23 4.60 -3.47
N LEU A 2 -6.11 5.54 -2.57
CA LEU A 2 -4.76 5.99 -2.15
C LEU A 2 -4.59 5.84 -0.63
N ALA A 3 -5.15 4.79 -0.08
CA ALA A 3 -5.03 4.58 1.39
C ALA A 3 -5.61 3.22 1.78
N VAL A 4 -4.78 2.23 1.97
CA VAL A 4 -5.31 0.88 2.34
C VAL A 4 -5.10 0.64 3.84
N PRO A 5 -5.76 -0.36 4.36
CA PRO A 5 -5.64 -0.68 5.80
C PRO A 5 -4.23 -1.20 6.10
N GLY A 6 -3.24 -0.39 5.84
CA GLY A 6 -1.83 -0.80 6.10
C GLY A 6 -0.90 -0.03 5.16
N MET A 7 0.21 -0.61 4.80
CA MET A 7 1.15 0.11 3.88
C MET A 7 2.41 -0.73 3.68
N THR A 8 2.72 -1.07 2.46
CA THR A 8 3.94 -1.88 2.20
C THR A 8 4.03 -3.04 3.20
N CYS A 9 3.36 -4.13 2.93
CA CYS A 9 3.41 -5.28 3.88
C CYS A 9 3.06 -6.58 3.16
N ALA A 10 3.84 -6.99 2.19
CA ALA A 10 3.50 -8.24 1.45
C ALA A 10 2.00 -8.17 1.13
N ALA A 11 1.52 -6.96 1.00
CA ALA A 11 0.10 -6.73 0.73
C ALA A 11 -0.05 -5.58 -0.26
N CYS A 12 0.53 -4.44 0.05
CA CYS A 12 0.42 -3.29 -0.90
C CYS A 12 1.72 -2.49 -1.02
N PRO A 13 2.83 -3.16 -0.96
CA PRO A 13 4.12 -2.48 -1.16
C PRO A 13 4.14 -2.07 -2.64
N ILE A 14 3.24 -2.67 -3.39
CA ILE A 14 3.13 -2.37 -4.83
C ILE A 14 2.14 -1.23 -5.03
N THR A 15 1.24 -1.10 -4.11
CA THR A 15 0.23 -0.01 -4.18
C THR A 15 0.78 1.21 -3.44
N VAL A 16 1.00 1.07 -2.17
CA VAL A 16 1.56 2.20 -1.39
C VAL A 16 3.09 2.09 -1.41
N LYS A 17 3.64 1.67 -2.53
CA LYS A 17 5.11 1.51 -2.63
C LYS A 17 5.81 2.82 -2.28
N LYS A 18 5.07 3.88 -2.30
CA LYS A 18 5.66 5.21 -1.98
C LYS A 18 6.01 5.29 -0.49
HG HG B . 0.65 -2.92 2.66
N THR A 1 -10.96 4.02 -1.67
CA THR A 1 -10.82 5.12 -0.67
C THR A 1 -10.32 4.56 0.66
N LEU A 2 -9.76 3.38 0.64
CA LEU A 2 -9.25 2.78 1.91
C LEU A 2 -7.79 2.33 1.74
N ALA A 3 -6.95 2.66 2.69
CA ALA A 3 -5.52 2.26 2.58
C ALA A 3 -4.88 2.17 3.97
N VAL A 4 -4.59 0.99 4.43
CA VAL A 4 -3.98 0.85 5.78
C VAL A 4 -2.66 1.63 5.85
N PRO A 5 -2.21 1.85 7.04
CA PRO A 5 -0.94 2.61 7.26
C PRO A 5 0.26 1.74 6.86
N GLY A 6 1.07 2.20 5.96
CA GLY A 6 2.27 1.40 5.55
C GLY A 6 2.13 1.01 4.06
N MET A 7 0.92 0.91 3.59
CA MET A 7 0.72 0.54 2.16
C MET A 7 1.42 -0.80 1.86
N THR A 8 1.75 -1.04 0.63
CA THR A 8 2.43 -2.33 0.29
C THR A 8 1.60 -3.51 0.79
N CYS A 9 0.55 -3.87 0.07
CA CYS A 9 -0.29 -5.01 0.52
C CYS A 9 -0.87 -5.75 -0.67
N ALA A 10 -0.04 -6.32 -1.52
CA ALA A 10 -0.59 -7.03 -2.71
C ALA A 10 -1.62 -6.09 -3.33
N ALA A 11 -1.42 -4.82 -3.12
CA ALA A 11 -2.37 -3.80 -3.62
C ALA A 11 -1.58 -2.58 -4.12
N CYS A 12 -0.80 -1.96 -3.28
CA CYS A 12 -0.02 -0.76 -3.74
C CYS A 12 1.44 -0.80 -3.29
N PRO A 13 2.02 -1.97 -3.25
CA PRO A 13 3.45 -2.05 -2.92
C PRO A 13 4.18 -1.46 -4.13
N ILE A 14 3.46 -1.27 -5.20
CA ILE A 14 4.03 -0.68 -6.44
C ILE A 14 3.86 0.83 -6.40
N THR A 15 2.93 1.29 -5.63
CA THR A 15 2.68 2.74 -5.50
C THR A 15 3.55 3.26 -4.37
N VAL A 16 3.32 2.79 -3.17
CA VAL A 16 4.17 3.20 -2.04
C VAL A 16 5.33 2.20 -1.94
N LYS A 17 5.87 1.82 -3.08
CA LYS A 17 6.97 0.83 -3.09
C LYS A 17 8.23 1.41 -2.45
N LYS A 18 8.17 2.66 -2.12
CA LYS A 18 9.34 3.33 -1.48
C LYS A 18 10.46 3.51 -2.49
HG HG B . -0.97 -1.31 -0.29
#